data_8X71
#
_entry.id   8X71
#
_cell.length_a   63.011
_cell.length_b   77.652
_cell.length_c   80.595
_cell.angle_alpha   90.000
_cell.angle_beta   90.000
_cell.angle_gamma   90.000
#
_symmetry.space_group_name_H-M   'P 21 21 21'
#
loop_
_entity.id
_entity.type
_entity.pdbx_description
1 polymer Peroxiredoxin-1
2 non-polymer 'methyl 3-[[(2~{R},4~{a}~{S},6~{a}~{R},6~{a}~{S},14~{a}~{S},14~{b}~{R})-2,4~{a},6~{a},6~{a},9,14~{a}-hexamethyl-10-oxidanyl-11-oxidanylidene-1,3,4,5,6,13,14,14~{b}-octahydropicen-2-yl]carbamoylamino]oxetane-3-carboxylate'
3 water water
#
_entity_poly.entity_id   1
_entity_poly.type   'polypeptide(L)'
_entity_poly.pdbx_seq_one_letter_code
;MSSGNAKIGHPAPNFKATAVMPDGQFKDISLSDYKGKYVVFFFYPLDFTFVSPTEIIAFSDRAEEFKKLNCQVIGASVDS
HFSHLAWVNTPKKQGGLGPMNIPLVSDPKRTIAQDYGVLKADEGISFRGLFIIDDKGILRQITVNDLPVGRSVDETLRLV
QAFQFTDKHGEVCPA
;
_entity_poly.pdbx_strand_id   A,B
#
# COMPACT_ATOMS: atom_id res chain seq x y z
N SER A 3 -2.08 4.78 -14.10
CA SER A 3 -1.25 5.97 -14.30
C SER A 3 -1.30 6.88 -13.07
N GLY A 4 -1.61 8.16 -13.31
CA GLY A 4 -1.62 9.15 -12.25
C GLY A 4 -0.29 9.87 -12.13
N ASN A 5 -0.29 10.85 -11.22
CA ASN A 5 0.88 11.68 -10.95
C ASN A 5 1.39 11.54 -9.53
N ALA A 6 0.88 10.58 -8.77
CA ALA A 6 1.36 10.34 -7.41
C ALA A 6 2.64 9.53 -7.48
N LYS A 7 3.76 10.16 -7.14
CA LYS A 7 5.08 9.54 -7.16
C LYS A 7 5.74 9.72 -5.79
N ILE A 8 6.28 8.64 -5.24
CA ILE A 8 6.99 8.72 -3.96
C ILE A 8 8.15 9.70 -4.11
N GLY A 9 8.30 10.59 -3.13
CA GLY A 9 9.41 11.52 -3.12
C GLY A 9 9.18 12.79 -3.90
N HIS A 10 8.05 12.92 -4.57
CA HIS A 10 7.62 14.11 -5.27
C HIS A 10 6.45 14.75 -4.54
N PRO A 11 6.20 16.04 -4.76
CA PRO A 11 5.02 16.66 -4.15
C PRO A 11 3.74 15.90 -4.50
N ALA A 12 2.96 15.58 -3.48
CA ALA A 12 1.68 14.93 -3.71
C ALA A 12 0.79 15.84 -4.56
N PRO A 13 0.03 15.29 -5.50
CA PRO A 13 -0.83 16.13 -6.35
C PRO A 13 -1.78 16.96 -5.51
N ASN A 14 -1.78 18.27 -5.75
CA ASN A 14 -2.71 19.13 -5.05
C ASN A 14 -4.12 18.94 -5.58
N PHE A 15 -5.08 19.35 -4.77
CA PHE A 15 -6.46 19.40 -5.20
C PHE A 15 -7.12 20.57 -4.50
N LYS A 16 -8.23 21.04 -5.08
CA LYS A 16 -9.12 21.96 -4.40
C LYS A 16 -10.53 21.46 -4.64
N ALA A 17 -11.24 21.16 -3.54
CA ALA A 17 -12.51 20.47 -3.69
C ALA A 17 -13.41 20.81 -2.51
N THR A 18 -14.71 20.61 -2.72
CA THR A 18 -15.68 20.79 -1.64
C THR A 18 -15.63 19.58 -0.72
N ALA A 19 -15.54 19.84 0.59
CA ALA A 19 -15.53 18.80 1.59
C ALA A 19 -16.66 19.06 2.59
N VAL A 20 -17.15 17.99 3.21
CA VAL A 20 -18.00 18.11 4.38
C VAL A 20 -17.08 18.10 5.59
N MET A 21 -17.06 19.22 6.33
CA MET A 21 -16.14 19.36 7.46
C MET A 21 -16.72 18.72 8.72
N PRO A 22 -15.88 18.49 9.73
CA PRO A 22 -16.39 17.89 10.98
C PRO A 22 -17.55 18.66 11.60
N ASP A 23 -17.64 19.97 11.39
CA ASP A 23 -18.77 20.69 11.95
C ASP A 23 -20.06 20.49 11.15
N GLY A 24 -20.02 19.65 10.11
CA GLY A 24 -21.20 19.35 9.32
C GLY A 24 -21.49 20.32 8.21
N GLN A 25 -20.52 21.17 7.85
CA GLN A 25 -20.76 22.20 6.87
C GLN A 25 -19.81 22.05 5.69
N PHE A 26 -20.25 22.56 4.54
CA PHE A 26 -19.44 22.49 3.33
C PHE A 26 -18.33 23.53 3.39
N LYS A 27 -17.17 23.16 2.88
CA LYS A 27 -16.05 24.10 2.77
C LYS A 27 -15.15 23.62 1.66
N ASP A 28 -14.67 24.55 0.84
CA ASP A 28 -13.69 24.21 -0.17
C ASP A 28 -12.31 24.18 0.47
N ILE A 29 -11.61 23.05 0.33
CA ILE A 29 -10.30 22.87 0.95
C ILE A 29 -9.30 22.39 -0.09
N SER A 30 -8.02 22.60 0.21
CA SER A 30 -6.94 22.15 -0.65
C SER A 30 -5.96 21.33 0.17
N LEU A 31 -5.33 20.34 -0.47
CA LEU A 31 -4.29 19.58 0.22
C LEU A 31 -3.22 20.50 0.78
N SER A 32 -2.87 21.55 0.04
CA SER A 32 -1.84 22.49 0.48
C SER A 32 -2.23 23.28 1.72
N ASP A 33 -3.52 23.33 2.05
CA ASP A 33 -3.94 23.91 3.33
C ASP A 33 -3.24 23.24 4.51
N TYR A 34 -2.79 22.00 4.35
CA TYR A 34 -2.30 21.21 5.46
C TYR A 34 -0.79 21.08 5.47
N LYS A 35 -0.08 21.86 4.66
CA LYS A 35 1.37 21.93 4.79
C LYS A 35 1.73 22.27 6.23
N GLY A 36 2.79 21.63 6.74
CA GLY A 36 3.18 21.72 8.13
C GLY A 36 2.66 20.60 8.99
N LYS A 37 1.76 19.78 8.46
CA LYS A 37 1.21 18.59 9.11
C LYS A 37 1.42 17.41 8.18
N TYR A 38 1.61 16.23 8.74
CA TYR A 38 1.42 15.03 7.94
C TYR A 38 -0.05 14.90 7.55
N VAL A 39 -0.30 14.24 6.43
CA VAL A 39 -1.67 14.00 5.95
C VAL A 39 -1.81 12.53 5.60
N VAL A 40 -2.88 11.91 6.08
CA VAL A 40 -3.35 10.63 5.55
C VAL A 40 -4.55 10.96 4.66
N PHE A 41 -4.41 10.75 3.36
CA PHE A 41 -5.45 11.04 2.38
C PHE A 41 -5.94 9.71 1.80
N PHE A 42 -7.22 9.38 2.00
CA PHE A 42 -7.69 8.08 1.57
C PHE A 42 -8.99 8.19 0.78
N PHE A 43 -9.08 7.37 -0.26
CA PHE A 43 -10.25 7.25 -1.13
C PHE A 43 -11.06 6.03 -0.74
N TYR A 44 -12.37 6.10 -0.95
CA TYR A 44 -13.22 4.92 -0.84
C TYR A 44 -14.17 4.96 -2.02
N PRO A 45 -14.74 3.82 -2.43
CA PRO A 45 -15.40 3.77 -3.75
C PRO A 45 -16.64 4.63 -3.86
N LEU A 46 -17.60 4.51 -2.94
CA LEU A 46 -18.79 5.34 -3.00
C LEU A 46 -19.51 5.32 -1.66
N ASP A 47 -20.37 6.31 -1.48
CA ASP A 47 -21.11 6.46 -0.23
C ASP A 47 -22.17 5.35 -0.09
N PHE A 48 -22.65 5.21 1.15
CA PHE A 48 -23.81 4.36 1.46
C PHE A 48 -23.55 2.90 1.10
N THR A 49 -22.35 2.43 1.42
CA THR A 49 -21.95 1.06 1.14
C THR A 49 -21.70 0.32 2.46
N PHE A 50 -21.02 -0.83 2.40
CA PHE A 50 -20.92 -1.74 3.53
C PHE A 50 -19.54 -1.75 4.18
N VAL A 51 -18.48 -1.83 3.39
CA VAL A 51 -17.12 -1.83 3.94
C VAL A 51 -16.68 -0.42 4.22
N SER A 52 -16.93 0.49 3.28
CA SER A 52 -16.45 1.86 3.43
C SER A 52 -16.86 2.54 4.73
N PRO A 53 -18.10 2.46 5.21
CA PRO A 53 -18.41 3.13 6.49
C PRO A 53 -17.58 2.61 7.65
N THR A 54 -17.26 1.32 7.68
CA THR A 54 -16.46 0.80 8.80
C THR A 54 -15.08 1.43 8.79
N GLU A 55 -14.51 1.65 7.60
CA GLU A 55 -13.22 2.31 7.51
C GLU A 55 -13.32 3.77 7.93
N ILE A 56 -14.32 4.48 7.39
CA ILE A 56 -14.43 5.91 7.64
C ILE A 56 -14.66 6.17 9.12
N ILE A 57 -15.56 5.39 9.73
CA ILE A 57 -15.86 5.55 11.15
C ILE A 57 -14.65 5.20 12.01
N ALA A 58 -13.87 4.20 11.60
CA ALA A 58 -12.67 3.86 12.36
C ALA A 58 -11.67 5.01 12.34
N PHE A 59 -11.42 5.59 11.16
CA PHE A 59 -10.52 6.73 11.10
C PHE A 59 -11.06 7.92 11.89
N SER A 60 -12.37 8.18 11.78
CA SER A 60 -12.96 9.28 12.53
C SER A 60 -12.89 9.04 14.04
N ASP A 61 -13.28 7.85 14.48
CA ASP A 61 -13.26 7.52 15.91
C ASP A 61 -11.88 7.66 16.50
N ARG A 62 -10.84 7.37 15.72
CA ARG A 62 -9.48 7.37 16.22
C ARG A 62 -8.71 8.59 15.77
N ALA A 63 -9.42 9.67 15.40
CA ALA A 63 -8.76 10.87 14.90
C ALA A 63 -7.78 11.43 15.92
N GLU A 64 -8.08 11.28 17.23
CA GLU A 64 -7.19 11.84 18.23
C GLU A 64 -5.80 11.20 18.18
N GLU A 65 -5.73 9.91 17.83
CA GLU A 65 -4.42 9.27 17.71
C GLU A 65 -3.62 9.87 16.57
N PHE A 66 -4.28 10.33 15.50
CA PHE A 66 -3.56 11.01 14.45
C PHE A 66 -3.21 12.44 14.86
N LYS A 67 -4.10 13.09 15.61
CA LYS A 67 -3.81 14.43 16.12
C LYS A 67 -2.54 14.43 16.96
N LYS A 68 -2.35 13.38 17.76
CA LYS A 68 -1.14 13.28 18.58
C LYS A 68 0.11 13.13 17.73
N LEU A 69 -0.03 12.71 16.48
CA LEU A 69 1.08 12.66 15.55
C LEU A 69 1.13 13.86 14.61
N ASN A 70 0.39 14.93 14.93
CA ASN A 70 0.37 16.11 14.08
C ASN A 70 -0.04 15.74 12.65
N CYS A 71 -1.06 14.88 12.54
CA CYS A 71 -1.40 14.29 11.25
C CYS A 71 -2.89 14.47 11.00
N GLN A 72 -3.22 15.12 9.88
CA GLN A 72 -4.58 15.31 9.43
C GLN A 72 -5.03 14.12 8.59
N VAL A 73 -6.24 13.62 8.86
CA VAL A 73 -6.84 12.55 8.06
C VAL A 73 -7.94 13.17 7.21
N ILE A 74 -7.95 12.81 5.92
CA ILE A 74 -8.95 13.28 4.96
C ILE A 74 -9.43 12.09 4.14
N GLY A 75 -10.75 11.88 4.08
CA GLY A 75 -11.32 10.89 3.20
C GLY A 75 -11.89 11.52 1.94
N ALA A 76 -12.11 10.69 0.92
CA ALA A 76 -12.58 11.22 -0.37
C ALA A 76 -13.28 10.13 -1.16
N SER A 77 -14.28 10.54 -1.94
CA SER A 77 -14.85 9.68 -2.96
C SER A 77 -15.42 10.56 -4.07
N VAL A 78 -15.84 9.91 -5.16
CA VAL A 78 -16.40 10.63 -6.29
C VAL A 78 -17.82 11.12 -6.07
N ASP A 79 -18.46 10.74 -4.97
CA ASP A 79 -19.82 11.19 -4.67
C ASP A 79 -19.88 12.69 -4.48
N SER A 80 -21.08 13.24 -4.66
CA SER A 80 -21.33 14.66 -4.44
C SER A 80 -21.19 15.04 -2.96
N HIS A 81 -20.97 16.33 -2.71
CA HIS A 81 -20.88 16.80 -1.34
C HIS A 81 -22.22 16.65 -0.61
N PHE A 82 -23.35 16.74 -1.33
CA PHE A 82 -24.64 16.47 -0.70
C PHE A 82 -24.74 15.02 -0.25
N SER A 83 -24.24 14.09 -1.07
CA SER A 83 -24.28 12.68 -0.68
C SER A 83 -23.47 12.45 0.60
N HIS A 84 -22.26 13.04 0.67
CA HIS A 84 -21.46 12.92 1.89
C HIS A 84 -22.23 13.44 3.10
N LEU A 85 -22.84 14.62 2.97
CA LEU A 85 -23.52 15.20 4.12
C LEU A 85 -24.74 14.37 4.52
N ALA A 86 -25.45 13.84 3.53
CA ALA A 86 -26.58 12.97 3.83
C ALA A 86 -26.12 11.74 4.61
N TRP A 87 -24.95 11.19 4.25
CA TRP A 87 -24.46 10.02 4.97
C TRP A 87 -24.05 10.37 6.40
N VAL A 88 -23.42 11.53 6.59
CA VAL A 88 -23.08 12.01 7.93
C VAL A 88 -24.35 12.23 8.75
N ASN A 89 -25.38 12.82 8.13
CA ASN A 89 -26.65 13.13 8.80
C ASN A 89 -27.48 11.90 9.11
N THR A 90 -27.11 10.74 8.56
CA THR A 90 -27.80 9.50 8.87
C THR A 90 -27.12 8.86 10.06
N PRO A 91 -27.82 8.61 11.17
CA PRO A 91 -27.16 8.07 12.36
C PRO A 91 -26.51 6.73 12.08
N LYS A 92 -25.39 6.48 12.76
CA LYS A 92 -24.72 5.19 12.68
C LYS A 92 -25.68 4.05 12.97
N LYS A 93 -26.57 4.25 13.96
CA LYS A 93 -27.65 3.31 14.30
C LYS A 93 -28.43 2.82 13.11
N GLN A 94 -28.58 3.67 12.10
CA GLN A 94 -29.44 3.39 10.96
C GLN A 94 -28.65 3.17 9.69
N GLY A 95 -27.36 2.93 9.79
CA GLY A 95 -26.55 2.64 8.63
C GLY A 95 -25.82 3.81 8.04
N GLY A 96 -25.75 4.94 8.73
CA GLY A 96 -25.01 6.09 8.29
C GLY A 96 -23.63 6.18 8.92
N LEU A 97 -22.98 7.32 8.68
CA LEU A 97 -21.71 7.60 9.31
C LEU A 97 -21.85 8.22 10.70
N GLY A 98 -22.89 9.02 10.90
CA GLY A 98 -22.99 9.84 12.08
C GLY A 98 -21.95 10.95 12.07
N PRO A 99 -21.85 11.68 13.18
CA PRO A 99 -20.92 12.82 13.24
C PRO A 99 -19.48 12.37 13.00
N MET A 100 -18.75 13.19 12.25
CA MET A 100 -17.40 12.89 11.81
C MET A 100 -16.39 13.83 12.44
N ASN A 101 -15.20 13.29 12.72
CA ASN A 101 -14.06 14.07 13.18
C ASN A 101 -13.08 14.38 12.06
N ILE A 102 -13.35 13.90 10.83
CA ILE A 102 -12.47 14.14 9.70
C ILE A 102 -13.28 14.73 8.55
N PRO A 103 -12.66 15.54 7.69
CA PRO A 103 -13.37 16.01 6.48
C PRO A 103 -13.49 14.92 5.43
N LEU A 104 -14.54 15.03 4.62
CA LEU A 104 -14.81 14.10 3.51
C LEU A 104 -14.90 14.89 2.23
N VAL A 105 -13.94 14.68 1.33
CA VAL A 105 -13.81 15.40 0.08
C VAL A 105 -14.69 14.77 -1.00
N SER A 106 -15.32 15.62 -1.82
CA SER A 106 -16.11 15.22 -2.97
C SER A 106 -15.28 15.40 -4.25
N ASP A 107 -15.20 14.36 -5.07
CA ASP A 107 -14.42 14.36 -6.31
C ASP A 107 -15.31 14.02 -7.50
N PRO A 108 -16.36 14.83 -7.74
CA PRO A 108 -17.36 14.45 -8.75
C PRO A 108 -16.82 14.47 -10.17
N LYS A 109 -15.77 15.25 -10.46
CA LYS A 109 -15.17 15.23 -11.79
C LYS A 109 -14.15 14.12 -11.95
N ARG A 110 -13.88 13.32 -10.91
CA ARG A 110 -12.97 12.18 -10.92
C ARG A 110 -11.51 12.59 -11.14
N THR A 111 -11.21 13.88 -11.11
CA THR A 111 -9.85 14.33 -11.44
C THR A 111 -8.87 14.08 -10.29
N ILE A 112 -9.35 14.12 -9.05
CA ILE A 112 -8.45 13.81 -7.94
C ILE A 112 -8.10 12.33 -7.95
N ALA A 113 -9.11 11.47 -8.13
CA ALA A 113 -8.83 10.04 -8.23
C ALA A 113 -7.90 9.75 -9.39
N GLN A 114 -8.07 10.44 -10.52
CA GLN A 114 -7.17 10.26 -11.66
C GLN A 114 -5.76 10.70 -11.32
N ASP A 115 -5.62 11.88 -10.68
CA ASP A 115 -4.29 12.36 -10.31
C ASP A 115 -3.59 11.40 -9.38
N TYR A 116 -4.32 10.68 -8.53
CA TYR A 116 -3.72 9.75 -7.59
C TYR A 116 -3.65 8.33 -8.15
N GLY A 117 -4.04 8.13 -9.41
CA GLY A 117 -3.89 6.83 -10.04
C GLY A 117 -4.79 5.76 -9.49
N VAL A 118 -5.93 6.12 -8.90
CA VAL A 118 -6.80 5.14 -8.25
C VAL A 118 -8.19 5.11 -8.87
N LEU A 119 -8.38 5.72 -10.04
CA LEU A 119 -9.70 5.67 -10.67
C LEU A 119 -9.85 4.32 -11.36
N LYS A 120 -10.90 3.58 -10.99
CA LYS A 120 -11.23 2.35 -11.69
C LYS A 120 -12.02 2.75 -12.91
N ALA A 121 -11.33 2.88 -14.04
CA ALA A 121 -12.00 3.34 -15.25
C ALA A 121 -13.07 2.34 -15.67
N ASP A 122 -14.07 2.84 -16.39
CA ASP A 122 -15.22 2.08 -16.86
C ASP A 122 -16.20 1.79 -15.73
N GLU A 123 -15.84 2.12 -14.49
CA GLU A 123 -16.81 2.14 -13.40
C GLU A 123 -16.97 3.51 -12.77
N GLY A 124 -16.02 4.42 -12.98
CA GLY A 124 -16.17 5.79 -12.50
C GLY A 124 -16.05 5.94 -11.01
N ILE A 125 -15.43 4.97 -10.33
CA ILE A 125 -15.23 4.99 -8.89
C ILE A 125 -13.75 4.75 -8.60
N SER A 126 -13.33 5.17 -7.41
CA SER A 126 -11.95 4.94 -6.99
C SER A 126 -11.79 3.58 -6.33
N PHE A 127 -10.59 3.02 -6.48
CA PHE A 127 -10.15 1.93 -5.62
C PHE A 127 -9.96 2.44 -4.18
N ARG A 128 -9.60 1.54 -3.29
CA ARG A 128 -9.31 1.90 -1.89
C ARG A 128 -7.86 2.38 -1.80
N GLY A 129 -7.64 3.62 -2.25
CA GLY A 129 -6.31 4.20 -2.21
C GLY A 129 -6.09 4.95 -0.90
N LEU A 130 -4.87 4.84 -0.37
CA LEU A 130 -4.51 5.58 0.84
C LEU A 130 -3.10 6.12 0.64
N PHE A 131 -2.89 7.39 0.97
CA PHE A 131 -1.63 8.06 0.70
C PHE A 131 -1.15 8.79 1.95
N ILE A 132 0.14 8.65 2.26
CA ILE A 132 0.73 9.34 3.39
C ILE A 132 1.63 10.43 2.84
N ILE A 133 1.33 11.67 3.20
CA ILE A 133 2.00 12.86 2.70
C ILE A 133 2.65 13.55 3.89
N ASP A 134 3.92 13.92 3.78
CA ASP A 134 4.59 14.51 4.93
C ASP A 134 4.26 15.99 5.05
N ASP A 135 4.83 16.62 6.09
CA ASP A 135 4.52 18.02 6.39
C ASP A 135 5.07 18.98 5.35
N LYS A 136 5.94 18.52 4.45
CA LYS A 136 6.41 19.35 3.35
C LYS A 136 5.61 19.11 2.07
N GLY A 137 4.56 18.30 2.15
CA GLY A 137 3.74 17.99 0.99
C GLY A 137 4.26 16.88 0.11
N ILE A 138 5.30 16.15 0.55
CA ILE A 138 5.93 15.12 -0.27
C ILE A 138 5.24 13.78 -0.01
N LEU A 139 4.93 13.05 -1.08
CA LEU A 139 4.31 11.74 -0.95
C LEU A 139 5.32 10.72 -0.42
N ARG A 140 4.95 10.03 0.65
CA ARG A 140 5.84 9.06 1.29
C ARG A 140 5.38 7.62 1.16
N GLN A 141 4.09 7.38 0.92
CA GLN A 141 3.57 6.03 0.97
C GLN A 141 2.34 5.92 0.09
N ILE A 142 2.24 4.83 -0.66
CA ILE A 142 1.09 4.51 -1.51
C ILE A 142 0.51 3.17 -1.08
N THR A 143 -0.81 3.13 -0.85
CA THR A 143 -1.53 1.90 -0.58
C THR A 143 -2.75 1.86 -1.48
N VAL A 144 -2.93 0.77 -2.24
CA VAL A 144 -4.13 0.66 -3.06
C VAL A 144 -4.68 -0.76 -2.90
N ASN A 145 -5.90 -0.89 -2.39
CA ASN A 145 -6.59 -2.17 -2.26
C ASN A 145 -7.67 -2.29 -3.32
N ASP A 146 -7.81 -3.50 -3.89
CA ASP A 146 -9.00 -3.80 -4.66
C ASP A 146 -10.24 -3.61 -3.77
N LEU A 147 -11.38 -3.39 -4.43
CA LEU A 147 -12.60 -2.98 -3.75
C LEU A 147 -13.01 -3.82 -2.54
N PRO A 148 -12.89 -5.15 -2.51
CA PRO A 148 -13.50 -5.91 -1.41
C PRO A 148 -12.78 -5.87 -0.08
N VAL A 149 -11.54 -5.38 0.00
CA VAL A 149 -10.73 -5.54 1.21
C VAL A 149 -10.40 -4.18 1.82
N GLY A 150 -10.70 -4.02 3.11
CA GLY A 150 -10.54 -2.77 3.80
C GLY A 150 -9.14 -2.56 4.38
N ARG A 151 -8.93 -1.34 4.87
CA ARG A 151 -7.66 -0.90 5.42
C ARG A 151 -7.67 -0.93 6.94
N SER A 152 -6.48 -0.86 7.51
CA SER A 152 -6.28 -0.94 8.94
C SER A 152 -5.79 0.40 9.48
N VAL A 153 -6.49 0.93 10.48
CA VAL A 153 -6.02 2.15 11.13
C VAL A 153 -4.72 1.90 11.90
N ASP A 154 -4.60 0.74 12.55
CA ASP A 154 -3.34 0.38 13.22
C ASP A 154 -2.16 0.45 12.26
N GLU A 155 -2.32 -0.14 11.07
CA GLU A 155 -1.22 -0.12 10.11
C GLU A 155 -0.92 1.29 9.64
N THR A 156 -1.96 2.10 9.44
CA THR A 156 -1.75 3.48 9.00
C THR A 156 -1.00 4.27 10.07
N LEU A 157 -1.36 4.08 11.35
CA LEU A 157 -0.63 4.75 12.42
C LEU A 157 0.82 4.26 12.51
N ARG A 158 1.05 2.95 12.37
CA ARG A 158 2.42 2.46 12.36
C ARG A 158 3.24 3.17 11.30
N LEU A 159 2.66 3.36 10.12
CA LEU A 159 3.38 3.99 9.03
C LEU A 159 3.65 5.46 9.32
N VAL A 160 2.63 6.20 9.78
CA VAL A 160 2.83 7.62 10.06
C VAL A 160 3.90 7.81 11.13
N GLN A 161 3.82 7.01 12.20
CA GLN A 161 4.84 7.05 13.25
C GLN A 161 6.23 6.75 12.68
N ALA A 162 6.32 5.76 11.79
CA ALA A 162 7.63 5.36 11.26
C ALA A 162 8.22 6.41 10.35
N PHE A 163 7.39 7.09 9.56
CA PHE A 163 7.89 8.17 8.71
C PHE A 163 8.36 9.34 9.54
N GLN A 164 7.64 9.65 10.62
CA GLN A 164 8.07 10.73 11.49
C GLN A 164 9.33 10.36 12.24
N PHE A 165 9.44 9.09 12.65
CA PHE A 165 10.66 8.60 13.28
C PHE A 165 11.85 8.77 12.35
N THR A 166 11.75 8.28 11.12
CA THR A 166 12.90 8.33 10.26
C THR A 166 13.17 9.74 9.74
N ASP A 167 12.18 10.62 9.77
CA ASP A 167 12.42 12.03 9.45
C ASP A 167 13.39 12.67 10.43
N LYS A 168 13.55 12.11 11.63
CA LYS A 168 14.41 12.74 12.62
C LYS A 168 15.88 12.55 12.31
N HIS A 169 16.23 11.63 11.41
CA HIS A 169 17.60 11.54 10.93
C HIS A 169 17.69 11.56 9.41
N GLY A 170 16.55 11.56 8.71
CA GLY A 170 16.53 11.57 7.26
C GLY A 170 16.25 12.91 6.62
N GLU A 171 16.19 13.98 7.39
CA GLU A 171 16.09 15.33 6.83
C GLU A 171 17.18 15.57 5.79
N VAL A 172 16.78 16.15 4.66
CA VAL A 172 17.78 16.51 3.64
C VAL A 172 18.66 17.65 4.16
N CYS A 173 18.06 18.60 4.89
CA CYS A 173 18.70 19.73 5.54
C CYS A 173 18.75 19.51 7.04
N PRO A 174 19.89 19.79 7.70
CA PRO A 174 20.08 19.48 9.12
C PRO A 174 19.06 20.15 10.03
N GLY B 4 4.59 2.48 -14.46
CA GLY B 4 4.67 1.06 -14.72
C GLY B 4 3.42 0.47 -15.37
N ASN B 5 3.30 -0.86 -15.30
CA ASN B 5 2.17 -1.58 -15.88
C ASN B 5 1.39 -2.38 -14.83
N ALA B 6 1.65 -2.15 -13.56
CA ALA B 6 0.92 -2.84 -12.49
C ALA B 6 -0.39 -2.11 -12.26
N LYS B 7 -1.50 -2.78 -12.56
CA LYS B 7 -2.83 -2.17 -12.40
C LYS B 7 -3.73 -3.15 -11.66
N ILE B 8 -4.43 -2.65 -10.63
CA ILE B 8 -5.35 -3.49 -9.88
C ILE B 8 -6.42 -4.03 -10.81
N GLY B 9 -6.68 -5.32 -10.71
CA GLY B 9 -7.69 -5.97 -11.53
C GLY B 9 -7.20 -6.43 -12.88
N HIS B 10 -5.93 -6.20 -13.21
CA HIS B 10 -5.32 -6.64 -14.44
C HIS B 10 -4.21 -7.63 -14.13
N PRO B 11 -3.83 -8.48 -15.07
CA PRO B 11 -2.71 -9.41 -14.82
C PRO B 11 -1.47 -8.67 -14.35
N ALA B 12 -0.88 -9.15 -13.27
CA ALA B 12 0.37 -8.58 -12.80
C ALA B 12 1.46 -8.79 -13.85
N PRO B 13 2.34 -7.82 -14.08
CA PRO B 13 3.38 -8.00 -15.10
C PRO B 13 4.21 -9.25 -14.83
N ASN B 14 4.37 -10.08 -15.86
CA ASN B 14 5.22 -11.24 -15.72
C ASN B 14 6.68 -10.80 -15.69
N PHE B 15 7.52 -11.66 -15.13
CA PHE B 15 8.96 -11.49 -15.20
C PHE B 15 9.58 -12.86 -15.30
N LYS B 16 10.80 -12.90 -15.83
CA LYS B 16 11.63 -14.08 -15.75
C LYS B 16 13.01 -13.60 -15.32
N ALA B 17 13.51 -14.13 -14.22
CA ALA B 17 14.72 -13.58 -13.61
C ALA B 17 15.44 -14.64 -12.81
N THR B 18 16.74 -14.43 -12.61
CA THR B 18 17.51 -15.35 -11.79
C THR B 18 17.24 -15.04 -10.32
N ALA B 19 16.91 -16.07 -9.55
CA ALA B 19 16.72 -15.95 -8.12
C ALA B 19 17.69 -16.86 -7.38
N VAL B 20 18.08 -16.48 -6.17
CA VAL B 20 18.71 -17.45 -5.28
C VAL B 20 17.60 -18.15 -4.51
N MET B 21 17.57 -19.47 -4.60
CA MET B 21 16.48 -20.27 -4.07
C MET B 21 16.77 -20.65 -2.62
N PRO B 22 15.75 -21.13 -1.89
CA PRO B 22 15.99 -21.55 -0.50
C PRO B 22 17.14 -22.54 -0.33
N ASP B 23 17.40 -23.42 -1.33
CA ASP B 23 18.50 -24.36 -1.20
C ASP B 23 19.86 -23.73 -1.46
N GLY B 24 19.92 -22.43 -1.70
CA GLY B 24 21.18 -21.74 -1.90
C GLY B 24 21.70 -21.76 -3.32
N GLN B 25 20.96 -22.33 -4.27
CA GLN B 25 21.38 -22.37 -5.66
C GLN B 25 20.60 -21.35 -6.47
N PHE B 26 21.12 -21.03 -7.65
CA PHE B 26 20.47 -20.07 -8.54
C PHE B 26 19.52 -20.78 -9.49
N LYS B 27 18.37 -20.17 -9.72
CA LYS B 27 17.38 -20.71 -10.64
C LYS B 27 16.65 -19.55 -11.32
N ASP B 28 16.39 -19.70 -12.62
CA ASP B 28 15.60 -18.71 -13.32
C ASP B 28 14.13 -19.04 -13.10
N ILE B 29 13.38 -18.07 -12.57
CA ILE B 29 11.98 -18.29 -12.22
C ILE B 29 11.15 -17.18 -12.85
N SER B 30 9.86 -17.48 -13.04
CA SER B 30 8.89 -16.55 -13.58
C SER B 30 7.71 -16.41 -12.64
N LEU B 31 7.09 -15.23 -12.65
CA LEU B 31 5.86 -15.05 -11.88
C LEU B 31 4.82 -16.07 -12.29
N SER B 32 4.72 -16.35 -13.59
CA SER B 32 3.73 -17.29 -14.09
C SER B 32 3.97 -18.71 -13.59
N ASP B 33 5.18 -19.02 -13.08
CA ASP B 33 5.43 -20.32 -12.45
C ASP B 33 4.47 -20.58 -11.30
N TYR B 34 3.90 -19.54 -10.72
CA TYR B 34 3.14 -19.66 -9.48
C TYR B 34 1.65 -19.48 -9.70
N LYS B 35 1.20 -19.52 -10.95
CA LYS B 35 -0.23 -19.59 -11.23
C LYS B 35 -0.85 -20.72 -10.42
N GLY B 36 -2.02 -20.45 -9.84
CA GLY B 36 -2.69 -21.39 -8.96
C GLY B 36 -2.45 -21.15 -7.49
N LYS B 37 -1.48 -20.30 -7.15
CA LYS B 37 -1.19 -19.86 -5.79
C LYS B 37 -1.30 -18.36 -5.74
N TYR B 38 -1.70 -17.83 -4.59
CA TYR B 38 -1.49 -16.42 -4.33
C TYR B 38 0.01 -16.14 -4.25
N VAL B 39 0.40 -14.91 -4.59
CA VAL B 39 1.81 -14.51 -4.54
C VAL B 39 1.91 -13.17 -3.84
N VAL B 40 2.83 -13.08 -2.87
CA VAL B 40 3.30 -11.79 -2.37
C VAL B 40 4.66 -11.55 -2.99
N PHE B 41 4.75 -10.51 -3.81
CA PHE B 41 5.98 -10.15 -4.52
C PHE B 41 6.45 -8.81 -3.95
N PHE B 42 7.61 -8.80 -3.30
CA PHE B 42 8.08 -7.56 -2.67
C PHE B 42 9.49 -7.20 -3.11
N PHE B 43 9.70 -5.91 -3.32
CA PHE B 43 10.99 -5.33 -3.66
C PHE B 43 11.66 -4.76 -2.41
N TYR B 44 12.97 -4.89 -2.33
CA TYR B 44 13.73 -4.14 -1.34
C TYR B 44 14.89 -3.46 -2.06
N PRO B 45 15.38 -2.33 -1.54
CA PRO B 45 16.34 -1.56 -2.32
C PRO B 45 17.65 -2.27 -2.63
N LEU B 46 18.40 -2.69 -1.61
CA LEU B 46 19.74 -3.20 -1.83
C LEU B 46 20.08 -4.25 -0.79
N ASP B 47 21.02 -5.13 -1.15
CA ASP B 47 21.58 -6.06 -0.18
C ASP B 47 22.49 -5.32 0.80
N PHE B 48 22.71 -5.97 1.96
CA PHE B 48 23.66 -5.50 2.97
C PHE B 48 23.24 -4.15 3.53
N THR B 49 21.94 -4.00 3.77
CA THR B 49 21.33 -2.80 4.29
C THR B 49 20.73 -3.13 5.66
N PHE B 50 20.07 -2.15 6.29
CA PHE B 50 19.65 -2.39 7.68
C PHE B 50 18.16 -2.38 7.94
N VAL B 51 17.32 -1.85 7.05
CA VAL B 51 15.88 -2.06 7.21
C VAL B 51 15.45 -3.34 6.52
N SER B 52 15.97 -3.55 5.32
CA SER B 52 15.62 -4.72 4.53
C SER B 52 15.82 -6.05 5.25
N PRO B 53 16.90 -6.30 5.99
CA PRO B 53 17.04 -7.65 6.60
C PRO B 53 15.92 -7.98 7.57
N THR B 54 15.44 -7.00 8.32
CA THR B 54 14.31 -7.24 9.22
C THR B 54 13.11 -7.77 8.43
N GLU B 55 12.81 -7.15 7.30
CA GLU B 55 11.69 -7.58 6.47
C GLU B 55 11.94 -8.95 5.87
N ILE B 56 13.10 -9.13 5.24
CA ILE B 56 13.38 -10.38 4.54
C ILE B 56 13.36 -11.55 5.50
N ILE B 57 14.01 -11.39 6.66
CA ILE B 57 14.06 -12.46 7.65
C ILE B 57 12.67 -12.75 8.21
N ALA B 58 11.85 -11.72 8.39
CA ALA B 58 10.50 -11.96 8.90
C ALA B 58 9.65 -12.74 7.90
N PHE B 59 9.69 -12.35 6.62
CA PHE B 59 8.95 -13.12 5.62
C PHE B 59 9.47 -14.54 5.52
N SER B 60 10.79 -14.71 5.63
CA SER B 60 11.37 -16.04 5.56
C SER B 60 11.00 -16.87 6.79
N ASP B 61 11.17 -16.29 7.98
CA ASP B 61 10.87 -16.98 9.22
C ASP B 61 9.41 -17.42 9.26
N ARG B 62 8.51 -16.61 8.71
CA ARG B 62 7.09 -16.86 8.80
C ARG B 62 6.51 -17.44 7.51
N ALA B 63 7.36 -18.05 6.68
CA ALA B 63 6.91 -18.58 5.41
C ALA B 63 5.81 -19.62 5.59
N GLU B 64 5.86 -20.38 6.69
CA GLU B 64 4.84 -21.37 6.98
C GLU B 64 3.45 -20.76 7.01
N GLU B 65 3.33 -19.53 7.55
CA GLU B 65 2.03 -18.89 7.63
C GLU B 65 1.48 -18.54 6.25
N PHE B 66 2.36 -18.23 5.30
CA PHE B 66 1.94 -18.01 3.93
C PHE B 66 1.62 -19.33 3.23
N LYS B 67 2.40 -20.38 3.50
CA LYS B 67 2.08 -21.69 2.96
C LYS B 67 0.69 -22.14 3.36
N LYS B 68 0.31 -21.88 4.61
CA LYS B 68 -1.04 -22.22 5.07
C LYS B 68 -2.12 -21.49 4.28
N LEU B 69 -1.79 -20.32 3.71
CA LEU B 69 -2.69 -19.59 2.84
C LEU B 69 -2.44 -19.89 1.37
N ASN B 70 -1.73 -20.97 1.05
CA ASN B 70 -1.41 -21.31 -0.34
C ASN B 70 -0.84 -20.11 -1.08
N CYS B 71 0.07 -19.40 -0.43
CA CYS B 71 0.57 -18.14 -0.95
C CYS B 71 2.09 -18.18 -0.98
N GLN B 72 2.67 -17.98 -2.15
CA GLN B 72 4.12 -17.94 -2.33
C GLN B 72 4.65 -16.53 -2.09
N VAL B 73 5.72 -16.40 -1.33
CA VAL B 73 6.40 -15.12 -1.11
C VAL B 73 7.68 -15.09 -1.94
N ILE B 74 7.90 -13.97 -2.62
CA ILE B 74 9.09 -13.76 -3.46
C ILE B 74 9.63 -12.37 -3.18
N GLY B 75 10.92 -12.27 -2.83
CA GLY B 75 11.59 -10.99 -2.69
C GLY B 75 12.39 -10.65 -3.95
N ALA B 76 12.70 -9.37 -4.12
CA ALA B 76 13.45 -8.92 -5.30
C ALA B 76 14.20 -7.64 -5.00
N SER B 77 15.37 -7.51 -5.63
CA SER B 77 16.16 -6.28 -5.55
C SER B 77 16.99 -6.17 -6.82
N VAL B 78 17.43 -4.95 -7.13
CA VAL B 78 18.28 -4.76 -8.32
C VAL B 78 19.67 -5.35 -8.15
N ASP B 79 20.07 -5.71 -6.94
CA ASP B 79 21.39 -6.29 -6.74
C ASP B 79 21.47 -7.66 -7.42
N SER B 80 22.69 -8.07 -7.73
CA SER B 80 22.89 -9.34 -8.43
C SER B 80 22.50 -10.51 -7.54
N HIS B 81 22.18 -11.63 -8.19
CA HIS B 81 21.91 -12.85 -7.44
C HIS B 81 23.13 -13.31 -6.65
N PHE B 82 24.33 -13.02 -7.15
CA PHE B 82 25.54 -13.33 -6.40
C PHE B 82 25.58 -12.56 -5.09
N SER B 83 25.19 -11.28 -5.14
CA SER B 83 25.15 -10.47 -3.94
C SER B 83 24.11 -11.00 -2.97
N HIS B 84 22.94 -11.42 -3.47
CA HIS B 84 21.92 -11.99 -2.61
C HIS B 84 22.48 -13.19 -1.84
N LEU B 85 23.16 -14.09 -2.57
CA LEU B 85 23.69 -15.29 -1.93
C LEU B 85 24.79 -14.94 -0.93
N ALA B 86 25.63 -13.95 -1.25
CA ALA B 86 26.63 -13.51 -0.29
C ALA B 86 25.98 -13.07 1.01
N TRP B 87 24.82 -12.40 0.93
CA TRP B 87 24.15 -11.96 2.15
C TRP B 87 23.51 -13.12 2.88
N VAL B 88 22.95 -14.09 2.14
CA VAL B 88 22.41 -15.31 2.73
C VAL B 88 23.50 -16.07 3.49
N ASN B 89 24.70 -16.14 2.91
CA ASN B 89 25.81 -16.89 3.50
C ASN B 89 26.54 -16.13 4.60
N THR B 90 26.24 -14.85 4.78
CA THR B 90 26.83 -14.09 5.87
C THR B 90 26.22 -14.56 7.18
N PRO B 91 27.02 -14.87 8.20
CA PRO B 91 26.44 -15.31 9.48
C PRO B 91 25.44 -14.30 10.02
N LYS B 92 24.32 -14.82 10.54
CA LYS B 92 23.32 -13.92 11.11
C LYS B 92 23.89 -13.10 12.25
N LYS B 93 24.85 -13.66 13.00
CA LYS B 93 25.46 -12.92 14.10
C LYS B 93 26.23 -11.69 13.61
N GLN B 94 26.59 -11.63 12.33
CA GLN B 94 27.33 -10.51 11.77
C GLN B 94 26.48 -9.66 10.83
N GLY B 95 25.16 -9.78 10.89
CA GLY B 95 24.28 -9.01 10.04
C GLY B 95 23.81 -9.68 8.78
N GLY B 96 24.00 -11.01 8.64
CA GLY B 96 23.57 -11.70 7.45
C GLY B 96 22.11 -12.14 7.50
N LEU B 97 21.60 -12.56 6.34
CA LEU B 97 20.24 -13.07 6.30
C LEU B 97 20.12 -14.47 6.87
N GLY B 98 21.15 -15.30 6.71
CA GLY B 98 21.03 -16.70 7.06
C GLY B 98 20.18 -17.45 6.06
N PRO B 99 19.96 -18.74 6.30
CA PRO B 99 19.20 -19.56 5.34
C PRO B 99 17.79 -19.02 5.14
N MET B 100 17.34 -19.05 3.89
CA MET B 100 16.07 -18.45 3.48
C MET B 100 15.05 -19.52 3.15
N ASN B 101 13.78 -19.22 3.46
CA ASN B 101 12.68 -20.07 3.05
C ASN B 101 11.94 -19.50 1.85
N ILE B 102 12.41 -18.39 1.29
CA ILE B 102 11.80 -17.72 0.16
C ILE B 102 12.86 -17.46 -0.90
N PRO B 103 12.51 -17.44 -2.17
CA PRO B 103 13.48 -17.03 -3.20
C PRO B 103 13.66 -15.52 -3.23
N LEU B 104 14.87 -15.10 -3.65
CA LEU B 104 15.22 -13.69 -3.78
C LEU B 104 15.66 -13.43 -5.21
N VAL B 105 14.84 -12.67 -5.94
CA VAL B 105 15.03 -12.38 -7.36
C VAL B 105 16.03 -11.24 -7.53
N SER B 106 16.81 -11.32 -8.61
CA SER B 106 17.72 -10.25 -9.01
C SER B 106 17.14 -9.51 -10.22
N ASP B 107 17.15 -8.17 -10.14
CA ASP B 107 16.60 -7.30 -11.20
C ASP B 107 17.68 -6.34 -11.69
N PRO B 108 18.80 -6.86 -12.19
CA PRO B 108 19.92 -5.96 -12.51
C PRO B 108 19.65 -5.00 -13.66
N LYS B 109 18.72 -5.33 -14.56
CA LYS B 109 18.38 -4.41 -15.64
C LYS B 109 17.38 -3.33 -15.22
N ARG B 110 16.81 -3.45 -14.02
CA ARG B 110 15.81 -2.55 -13.46
C ARG B 110 14.47 -2.63 -14.19
N THR B 111 14.29 -3.60 -15.09
CA THR B 111 13.06 -3.66 -15.85
C THR B 111 11.88 -4.18 -15.04
N ILE B 112 12.12 -5.06 -14.07
CA ILE B 112 11.00 -5.54 -13.26
C ILE B 112 10.50 -4.42 -12.36
N ALA B 113 11.42 -3.69 -11.72
CA ALA B 113 11.01 -2.55 -10.92
C ALA B 113 10.26 -1.52 -11.75
N GLN B 114 10.71 -1.27 -12.99
CA GLN B 114 10.00 -0.32 -13.83
C GLN B 114 8.62 -0.83 -14.19
N ASP B 115 8.50 -2.13 -14.48
CA ASP B 115 7.21 -2.70 -14.84
C ASP B 115 6.22 -2.58 -13.70
N TYR B 116 6.71 -2.63 -12.46
CA TYR B 116 5.84 -2.52 -11.29
C TYR B 116 5.73 -1.10 -10.78
N GLY B 117 6.35 -0.13 -11.47
CA GLY B 117 6.20 1.26 -11.10
C GLY B 117 6.90 1.65 -9.83
N VAL B 118 7.93 0.92 -9.42
CA VAL B 118 8.58 1.19 -8.13
C VAL B 118 10.06 1.53 -8.28
N LEU B 119 10.52 1.89 -9.48
CA LEU B 119 11.91 2.31 -9.61
C LEU B 119 12.08 3.74 -9.13
N LYS B 120 13.01 3.95 -8.22
CA LYS B 120 13.40 5.30 -7.82
C LYS B 120 14.38 5.77 -8.90
N ALA B 121 13.86 6.54 -9.85
CA ALA B 121 14.53 6.74 -11.13
C ALA B 121 15.86 7.48 -10.97
N ASP B 122 15.94 8.41 -10.03
CA ASP B 122 17.18 9.16 -9.85
C ASP B 122 18.26 8.35 -9.14
N GLU B 123 17.93 7.14 -8.66
CA GLU B 123 18.86 6.37 -7.84
C GLU B 123 18.93 4.90 -8.25
N GLY B 124 18.22 4.51 -9.32
CA GLY B 124 18.37 3.17 -9.88
C GLY B 124 18.09 2.00 -8.98
N ILE B 125 17.37 2.21 -7.88
CA ILE B 125 16.98 1.12 -6.99
C ILE B 125 15.47 1.17 -6.82
N SER B 126 14.91 0.05 -6.36
CA SER B 126 13.48 0.00 -6.12
C SER B 126 13.11 0.62 -4.78
N PHE B 127 11.97 1.30 -4.76
CA PHE B 127 11.28 1.60 -3.52
C PHE B 127 10.83 0.30 -2.84
N ARG B 128 10.28 0.39 -1.64
CA ARG B 128 9.75 -0.80 -0.94
C ARG B 128 8.34 -1.10 -1.45
N GLY B 129 8.29 -1.67 -2.66
CA GLY B 129 7.03 -2.08 -3.26
C GLY B 129 6.65 -3.49 -2.84
N LEU B 130 5.36 -3.69 -2.59
CA LEU B 130 4.86 -5.02 -2.24
C LEU B 130 3.55 -5.20 -2.98
N PHE B 131 3.39 -6.36 -3.61
CA PHE B 131 2.25 -6.60 -4.48
C PHE B 131 1.63 -7.94 -4.15
N ILE B 132 0.31 -7.95 -4.03
CA ILE B 132 -0.43 -9.18 -3.77
C ILE B 132 -1.16 -9.57 -5.05
N ILE B 133 -0.84 -10.76 -5.54
CA ILE B 133 -1.33 -11.28 -6.82
C ILE B 133 -2.11 -12.55 -6.53
N ASP B 134 -3.32 -12.66 -7.11
CA ASP B 134 -4.12 -13.83 -6.77
C ASP B 134 -3.71 -15.05 -7.60
N ASP B 135 -4.41 -16.16 -7.36
CA ASP B 135 -4.07 -17.43 -8.01
C ASP B 135 -4.34 -17.42 -9.51
N LYS B 136 -5.09 -16.44 -10.00
CA LYS B 136 -5.29 -16.26 -11.43
C LYS B 136 -4.26 -15.32 -12.06
N GLY B 137 -3.33 -14.81 -11.26
CA GLY B 137 -2.34 -13.86 -11.76
C GLY B 137 -2.79 -12.42 -11.78
N ILE B 138 -3.93 -12.10 -11.16
CA ILE B 138 -4.49 -10.75 -11.19
C ILE B 138 -3.98 -9.97 -9.98
N LEU B 139 -3.53 -8.74 -10.23
CA LEU B 139 -3.05 -7.89 -9.15
C LEU B 139 -4.21 -7.42 -8.28
N ARG B 140 -4.07 -7.60 -6.96
CA ARG B 140 -5.12 -7.25 -6.01
C ARG B 140 -4.75 -6.11 -5.08
N GLN B 141 -3.45 -5.86 -4.87
CA GLN B 141 -3.04 -4.91 -3.86
C GLN B 141 -1.66 -4.36 -4.20
N ILE B 142 -1.52 -3.04 -4.03
CA ILE B 142 -0.27 -2.31 -4.25
C ILE B 142 0.12 -1.63 -2.96
N THR B 143 1.35 -1.83 -2.51
CA THR B 143 1.93 -1.14 -1.37
C THR B 143 3.29 -0.61 -1.79
N VAL B 144 3.53 0.69 -1.59
CA VAL B 144 4.86 1.24 -1.88
C VAL B 144 5.26 2.17 -0.74
N ASN B 145 6.38 1.86 -0.07
CA ASN B 145 6.95 2.72 0.95
C ASN B 145 8.22 3.39 0.44
N ASP B 146 8.42 4.64 0.82
CA ASP B 146 9.71 5.29 0.67
C ASP B 146 10.79 4.44 1.35
N LEU B 147 12.03 4.65 0.91
CA LEU B 147 13.15 3.81 1.33
C LEU B 147 13.28 3.55 2.84
N PRO B 148 13.05 4.51 3.74
CA PRO B 148 13.42 4.27 5.15
C PRO B 148 12.42 3.50 5.98
N VAL B 149 11.23 3.18 5.48
CA VAL B 149 10.15 2.65 6.33
C VAL B 149 9.76 1.26 5.87
N GLY B 150 9.86 0.30 6.80
CA GLY B 150 9.62 -1.10 6.50
C GLY B 150 8.15 -1.50 6.51
N ARG B 151 7.93 -2.75 6.11
CA ARG B 151 6.61 -3.33 5.95
C ARG B 151 6.35 -4.34 7.06
N SER B 152 5.08 -4.71 7.20
CA SER B 152 4.62 -5.59 8.26
C SER B 152 4.15 -6.93 7.69
N VAL B 153 4.74 -8.03 8.17
CA VAL B 153 4.24 -9.35 7.80
C VAL B 153 2.81 -9.56 8.29
N ASP B 154 2.49 -9.12 9.52
CA ASP B 154 1.10 -9.22 10.01
C ASP B 154 0.13 -8.56 9.05
N GLU B 155 0.43 -7.35 8.61
CA GLU B 155 -0.48 -6.65 7.70
C GLU B 155 -0.59 -7.39 6.36
N THR B 156 0.54 -7.91 5.86
CA THR B 156 0.52 -8.64 4.60
C THR B 156 -0.35 -9.89 4.72
N LEU B 157 -0.23 -10.62 5.83
CA LEU B 157 -1.08 -11.79 6.05
C LEU B 157 -2.55 -11.41 6.16
N ARG B 158 -2.85 -10.31 6.87
CA ARG B 158 -4.23 -9.84 6.94
C ARG B 158 -4.80 -9.64 5.54
N LEU B 159 -4.02 -9.00 4.67
CA LEU B 159 -4.50 -8.69 3.32
C LEU B 159 -4.71 -9.96 2.50
N VAL B 160 -3.71 -10.84 2.49
CA VAL B 160 -3.82 -12.06 1.70
C VAL B 160 -5.04 -12.85 2.10
N GLN B 161 -5.22 -13.04 3.41
CA GLN B 161 -6.35 -13.82 3.88
C GLN B 161 -7.67 -13.14 3.51
N ALA B 162 -7.74 -11.82 3.64
CA ALA B 162 -8.97 -11.10 3.33
C ALA B 162 -9.31 -11.18 1.84
N PHE B 163 -8.31 -11.10 0.96
CA PHE B 163 -8.61 -11.26 -0.46
C PHE B 163 -9.14 -12.67 -0.73
N GLN B 164 -8.57 -13.67 -0.07
CA GLN B 164 -9.02 -15.05 -0.31
C GLN B 164 -10.44 -15.25 0.21
N PHE B 165 -10.76 -14.68 1.37
CA PHE B 165 -12.11 -14.82 1.91
C PHE B 165 -13.12 -14.12 1.03
N THR B 166 -12.83 -12.90 0.58
CA THR B 166 -13.77 -12.20 -0.26
C THR B 166 -13.86 -12.82 -1.64
N ASP B 167 -12.80 -13.52 -2.07
CA ASP B 167 -12.84 -14.28 -3.33
C ASP B 167 -13.98 -15.30 -3.30
N LYS B 168 -14.26 -15.89 -2.15
CA LYS B 168 -15.27 -16.94 -2.07
C LYS B 168 -16.66 -16.43 -1.74
N HIS B 169 -16.78 -15.14 -1.42
CA HIS B 169 -18.09 -14.51 -1.26
C HIS B 169 -18.93 -14.77 -2.50
N GLY B 170 -19.94 -15.64 -2.39
CA GLY B 170 -20.78 -16.05 -3.50
C GLY B 170 -20.54 -17.46 -3.97
N GLU B 171 -19.43 -18.09 -3.58
CA GLU B 171 -19.11 -19.47 -3.96
C GLU B 171 -19.48 -20.47 -2.87
N VAL B 172 -20.09 -20.02 -1.79
CA VAL B 172 -20.18 -20.80 -0.56
C VAL B 172 -21.51 -21.55 -0.53
N CYS B 173 -21.48 -22.75 0.08
CA CYS B 173 -22.67 -23.56 0.27
C CYS B 173 -23.80 -22.73 0.88
N PRO B 174 -25.02 -22.78 0.32
CA PRO B 174 -26.11 -21.92 0.81
C PRO B 174 -26.95 -22.53 1.93
N ALA B 175 -26.42 -23.54 2.62
CA ALA B 175 -27.09 -24.03 3.82
C ALA B 175 -26.94 -23.00 4.93
#